data_1T6S
#
_entry.id   1T6S
#
_cell.length_a   69.42
_cell.length_b   69.42
_cell.length_c   117.99
_cell.angle_alpha   90
_cell.angle_beta   90
_cell.angle_gamma   120
#
_symmetry.space_group_name_H-M   'P 62'
#
loop_
_entity.id
_entity.type
_entity.pdbx_description
1 polymer 'conserved hypothetical protein'
2 non-polymer 'NITRATE ION'
3 water water
#
_entity_poly.entity_id   1
_entity_poly.type   'polypeptide(L)'
_entity_poly.pdbx_seq_one_letter_code
;MQEQRQQLLRSLEALIFSSEEPVNLQTLSQITAHKFTPSELQEAVDELNRDYEATGRTFRIHAIAGGYRFLTEPEFADLV
RQLLAPVIQRRLSRSMLEVLAVVAWHQPVTKGEIQQIRGASPDYSIDRLLARGLIEVRGRADSPGRPLQYGTTEVFLDLF
HL
;
_entity_poly.pdbx_strand_id   A,B
#
# COMPACT_ATOMS: atom_id res chain seq x y z
N MET A 1 -22.10 46.28 5.07
CA MET A 1 -21.19 45.20 5.54
C MET A 1 -21.85 43.83 5.54
N GLN A 2 -23.17 43.82 5.32
CA GLN A 2 -23.92 42.57 5.28
C GLN A 2 -23.47 41.78 4.06
N GLU A 3 -23.47 42.43 2.90
CA GLU A 3 -23.07 41.80 1.64
C GLU A 3 -21.65 41.26 1.70
N GLN A 4 -20.74 42.05 2.24
CA GLN A 4 -19.34 41.67 2.37
C GLN A 4 -19.27 40.43 3.28
N ARG A 5 -20.05 40.44 4.35
CA ARG A 5 -20.09 39.31 5.27
C ARG A 5 -20.60 38.09 4.49
N GLN A 6 -21.66 38.27 3.72
CA GLN A 6 -22.24 37.15 2.97
C GLN A 6 -21.30 36.61 1.90
N GLN A 7 -20.55 37.51 1.26
CA GLN A 7 -19.61 37.10 0.23
C GLN A 7 -18.45 36.35 0.87
N LEU A 8 -18.01 36.83 2.04
CA LEU A 8 -16.92 36.19 2.76
C LEU A 8 -17.38 34.80 3.19
N LEU A 9 -18.66 34.70 3.56
CA LEU A 9 -19.20 33.42 3.99
C LEU A 9 -19.22 32.46 2.80
N ARG A 10 -19.64 32.96 1.64
CA ARG A 10 -19.67 32.17 0.42
C ARG A 10 -18.27 31.70 0.01
N SER A 11 -17.27 32.56 0.20
CA SER A 11 -15.90 32.19 -0.11
C SER A 11 -15.41 31.06 0.81
N LEU A 12 -15.75 31.15 2.09
CA LEU A 12 -15.36 30.09 3.02
C LEU A 12 -15.97 28.78 2.57
N GLU A 13 -17.26 28.81 2.24
CA GLU A 13 -17.94 27.60 1.79
C GLU A 13 -17.23 26.97 0.58
N ALA A 14 -16.96 27.81 -0.42
CA ALA A 14 -16.30 27.33 -1.65
C ALA A 14 -14.92 26.72 -1.38
N LEU A 15 -14.15 27.34 -0.49
CA LEU A 15 -12.82 26.83 -0.16
C LEU A 15 -12.91 25.50 0.59
N ILE A 16 -13.71 25.47 1.66
CA ILE A 16 -13.86 24.25 2.44
C ILE A 16 -14.46 23.14 1.57
N PHE A 17 -15.40 23.49 0.72
CA PHE A 17 -16.01 22.52 -0.16
C PHE A 17 -15.04 21.96 -1.20
N SER A 18 -14.22 22.83 -1.80
CA SER A 18 -13.25 22.43 -2.82
C SER A 18 -12.05 21.66 -2.30
N SER A 19 -11.71 21.89 -1.04
CA SER A 19 -10.56 21.27 -0.39
C SER A 19 -10.49 19.77 -0.52
N GLU A 20 -9.30 19.28 -0.81
CA GLU A 20 -9.11 17.85 -0.94
C GLU A 20 -8.42 17.40 0.34
N GLU A 21 -8.38 18.33 1.30
CA GLU A 21 -7.80 18.11 2.64
C GLU A 21 -8.43 19.12 3.61
N PRO A 22 -8.52 18.77 4.91
CA PRO A 22 -9.09 19.69 5.90
C PRO A 22 -8.36 21.04 5.77
N VAL A 23 -9.11 22.14 5.85
CA VAL A 23 -8.51 23.46 5.69
C VAL A 23 -8.49 24.18 7.03
N ASN A 24 -7.34 24.74 7.40
CA ASN A 24 -7.22 25.43 8.67
C ASN A 24 -7.44 26.94 8.60
N LEU A 25 -7.44 27.54 9.77
CA LEU A 25 -7.61 28.99 9.92
C LEU A 25 -6.54 29.77 9.15
N GLN A 26 -5.30 29.30 9.18
CA GLN A 26 -4.21 29.99 8.48
C GLN A 26 -4.45 30.08 6.98
N THR A 27 -4.82 28.94 6.38
CA THR A 27 -5.06 28.88 4.96
C THR A 27 -6.29 29.70 4.55
N LEU A 28 -7.38 29.54 5.27
CA LEU A 28 -8.59 30.29 4.95
C LEU A 28 -8.39 31.81 5.07
N SER A 29 -7.63 32.27 6.06
CA SER A 29 -7.40 33.72 6.22
C SER A 29 -6.48 34.27 5.11
N GLN A 30 -5.49 33.48 4.70
CA GLN A 30 -4.56 33.93 3.66
C GLN A 30 -5.26 34.07 2.32
N ILE A 31 -6.09 33.09 1.97
CA ILE A 31 -6.75 33.13 0.66
C ILE A 31 -7.88 34.16 0.57
N THR A 32 -8.64 34.34 1.64
CA THR A 32 -9.73 35.31 1.63
C THR A 32 -9.22 36.71 2.00
N ALA A 33 -7.92 36.80 2.27
CA ALA A 33 -7.30 38.05 2.65
C ALA A 33 -8.08 38.69 3.81
N HIS A 34 -8.57 37.85 4.73
CA HIS A 34 -9.31 38.30 5.91
C HIS A 34 -8.62 37.78 7.17
N LYS A 35 -8.31 38.69 8.10
CA LYS A 35 -7.64 38.31 9.35
C LYS A 35 -8.59 37.69 10.37
N PHE A 36 -9.06 36.49 10.07
CA PHE A 36 -9.96 35.74 10.93
C PHE A 36 -9.41 35.41 12.30
N THR A 37 -10.24 35.61 13.33
CA THR A 37 -9.85 35.22 14.69
C THR A 37 -10.40 33.78 14.77
N PRO A 38 -9.81 32.94 15.63
CA PRO A 38 -10.30 31.56 15.73
C PRO A 38 -11.78 31.48 16.11
N SER A 39 -12.23 32.47 16.87
CA SER A 39 -13.60 32.53 17.28
C SER A 39 -14.49 33.02 16.14
N GLU A 40 -14.01 34.02 15.42
CA GLU A 40 -14.76 34.57 14.29
C GLU A 40 -14.95 33.51 13.19
N LEU A 41 -13.92 32.70 12.94
CA LEU A 41 -14.00 31.67 11.90
C LEU A 41 -15.04 30.61 12.25
N GLN A 42 -15.02 30.18 13.51
CA GLN A 42 -15.96 29.16 13.95
C GLN A 42 -17.40 29.66 13.86
N GLU A 43 -17.58 30.96 14.14
CA GLU A 43 -18.87 31.63 14.09
C GLU A 43 -19.40 31.67 12.66
N ALA A 44 -18.50 31.85 11.69
CA ALA A 44 -18.90 31.90 10.29
C ALA A 44 -19.29 30.49 9.86
N VAL A 45 -18.53 29.51 10.32
CA VAL A 45 -18.80 28.12 10.00
C VAL A 45 -20.15 27.72 10.61
N ASP A 46 -20.44 28.17 11.84
CA ASP A 46 -21.72 27.86 12.49
C ASP A 46 -22.88 28.39 11.66
N GLU A 47 -22.75 29.61 11.13
CA GLU A 47 -23.82 30.19 10.31
C GLU A 47 -24.10 29.33 9.07
N LEU A 48 -23.04 28.91 8.39
CA LEU A 48 -23.19 28.07 7.22
C LEU A 48 -23.93 26.79 7.63
N ASN A 49 -23.46 26.13 8.69
CA ASN A 49 -24.11 24.90 9.15
C ASN A 49 -25.58 25.17 9.51
N ARG A 50 -25.87 26.38 9.99
CA ARG A 50 -27.26 26.70 10.30
C ARG A 50 -28.08 26.76 8.99
N ASP A 51 -27.49 27.32 7.93
CA ASP A 51 -28.17 27.38 6.64
C ASP A 51 -28.39 25.99 6.03
N TYR A 52 -27.43 25.08 6.27
CA TYR A 52 -27.53 23.71 5.76
C TYR A 52 -28.70 23.01 6.45
N GLU A 53 -28.80 23.23 7.76
CA GLU A 53 -29.89 22.65 8.53
C GLU A 53 -31.23 23.22 8.04
N ALA A 54 -31.25 24.54 7.82
CA ALA A 54 -32.43 25.26 7.36
C ALA A 54 -32.98 24.86 6.00
N THR A 55 -32.09 24.68 5.03
CA THR A 55 -32.46 24.32 3.67
C THR A 55 -32.55 22.80 3.42
N GLY A 56 -32.21 22.01 4.44
CA GLY A 56 -32.31 20.57 4.29
C GLY A 56 -31.18 19.88 3.56
N ARG A 57 -29.97 20.38 3.71
CA ARG A 57 -28.80 19.79 3.07
C ARG A 57 -28.38 18.52 3.82
N THR A 58 -27.75 17.60 3.12
CA THR A 58 -27.35 16.32 3.71
C THR A 58 -25.90 16.28 4.22
N PHE A 59 -25.27 17.44 4.31
CA PHE A 59 -23.89 17.53 4.78
C PHE A 59 -23.69 18.68 5.77
N ARG A 60 -22.56 18.63 6.48
CA ARG A 60 -22.23 19.66 7.47
C ARG A 60 -20.73 19.85 7.53
N ILE A 61 -20.31 21.05 7.93
CA ILE A 61 -18.90 21.34 8.10
C ILE A 61 -18.51 20.97 9.54
N HIS A 62 -17.44 20.20 9.68
CA HIS A 62 -16.92 19.74 10.96
C HIS A 62 -15.48 20.23 11.21
N ALA A 63 -15.24 20.65 12.45
CA ALA A 63 -13.92 21.11 12.87
C ALA A 63 -13.21 19.90 13.46
N ILE A 64 -12.30 19.30 12.71
CA ILE A 64 -11.57 18.13 13.21
C ILE A 64 -10.08 18.48 13.33
N ALA A 65 -9.57 18.49 14.56
CA ALA A 65 -8.15 18.79 14.81
C ALA A 65 -7.64 20.05 14.11
N GLY A 66 -8.39 21.14 14.19
CA GLY A 66 -7.94 22.38 13.57
C GLY A 66 -8.14 22.47 12.07
N GLY A 67 -8.75 21.45 11.47
CA GLY A 67 -9.01 21.47 10.04
C GLY A 67 -10.50 21.30 9.77
N TYR A 68 -11.09 22.20 8.97
CA TYR A 68 -12.51 22.09 8.66
C TYR A 68 -12.75 21.28 7.39
N ARG A 69 -13.78 20.44 7.39
CA ARG A 69 -14.12 19.67 6.19
C ARG A 69 -15.60 19.30 6.22
N PHE A 70 -16.17 19.07 5.05
CA PHE A 70 -17.55 18.65 4.94
C PHE A 70 -17.64 17.17 5.19
N LEU A 71 -18.75 16.74 5.76
CA LEU A 71 -19.02 15.32 6.02
C LEU A 71 -20.53 15.13 5.83
N THR A 72 -20.94 13.99 5.28
CA THR A 72 -22.37 13.76 5.09
C THR A 72 -22.98 13.33 6.43
N GLU A 73 -24.27 13.61 6.59
CA GLU A 73 -25.00 13.30 7.81
C GLU A 73 -25.10 11.80 8.10
N PRO A 74 -25.03 11.41 9.38
CA PRO A 74 -25.11 9.99 9.78
C PRO A 74 -26.35 9.31 9.27
N GLU A 75 -27.35 10.09 8.91
CA GLU A 75 -28.59 9.53 8.40
C GLU A 75 -28.37 8.75 7.10
N PHE A 76 -27.30 9.07 6.38
CA PHE A 76 -27.04 8.36 5.13
C PHE A 76 -25.78 7.50 5.20
N ALA A 77 -25.37 7.17 6.41
CA ALA A 77 -24.18 6.37 6.62
C ALA A 77 -24.20 5.04 5.88
N ASP A 78 -25.36 4.37 5.87
CA ASP A 78 -25.43 3.08 5.19
C ASP A 78 -25.24 3.22 3.69
N LEU A 79 -25.83 4.26 3.11
CA LEU A 79 -25.70 4.51 1.68
C LEU A 79 -24.26 4.83 1.32
N VAL A 80 -23.63 5.68 2.13
CA VAL A 80 -22.24 6.06 1.89
C VAL A 80 -21.33 4.84 1.96
N ARG A 81 -21.65 3.93 2.89
CA ARG A 81 -20.85 2.72 3.04
C ARG A 81 -20.92 1.89 1.76
N GLN A 82 -22.11 1.74 1.19
CA GLN A 82 -22.24 0.97 -0.03
C GLN A 82 -21.51 1.57 -1.22
N LEU A 83 -21.24 2.87 -1.16
CA LEU A 83 -20.56 3.56 -2.24
C LEU A 83 -19.04 3.56 -2.07
N LEU A 84 -18.57 4.01 -0.91
CA LEU A 84 -17.14 4.08 -0.64
C LEU A 84 -16.49 2.76 -0.29
N ALA A 85 -17.25 1.85 0.32
CA ALA A 85 -16.71 0.58 0.75
C ALA A 85 -17.67 -0.61 0.60
N PRO A 86 -18.07 -0.94 -0.63
CA PRO A 86 -18.99 -2.08 -0.79
C PRO A 86 -18.28 -3.37 -0.32
N VAL A 87 -19.06 -4.39 0.07
CA VAL A 87 -18.53 -5.66 0.58
C VAL A 87 -17.44 -6.32 -0.26
N ILE A 88 -17.69 -6.49 -1.55
CA ILE A 88 -16.73 -7.13 -2.45
C ILE A 88 -15.41 -6.39 -2.49
N GLN A 89 -15.50 -5.06 -2.53
CA GLN A 89 -14.29 -4.24 -2.55
C GLN A 89 -13.54 -4.45 -1.23
N ARG A 90 -14.27 -4.53 -0.13
CA ARG A 90 -13.66 -4.73 1.19
C ARG A 90 -12.95 -6.08 1.26
N ARG A 91 -13.56 -7.12 0.70
CA ARG A 91 -12.99 -8.46 0.68
C ARG A 91 -11.65 -8.45 -0.08
N LEU A 92 -11.63 -7.85 -1.26
CA LEU A 92 -10.39 -7.77 -2.04
C LEU A 92 -9.32 -7.02 -1.25
N SER A 93 -9.68 -5.84 -0.75
CA SER A 93 -8.76 -5.03 0.05
C SER A 93 -8.21 -5.79 1.27
N ARG A 94 -9.10 -6.38 2.06
CA ARG A 94 -8.68 -7.09 3.26
C ARG A 94 -7.76 -8.26 2.95
N SER A 95 -8.15 -9.10 2.00
CA SER A 95 -7.35 -10.26 1.67
C SER A 95 -5.96 -9.84 1.20
N MET A 96 -5.88 -8.86 0.31
CA MET A 96 -4.57 -8.42 -0.16
C MET A 96 -3.71 -7.91 0.99
N LEU A 97 -4.32 -7.14 1.88
CA LEU A 97 -3.60 -6.59 3.02
C LEU A 97 -3.11 -7.65 4.01
N GLU A 98 -3.98 -8.61 4.33
CA GLU A 98 -3.61 -9.69 5.27
C GLU A 98 -2.47 -10.56 4.72
N VAL A 99 -2.55 -10.94 3.45
CA VAL A 99 -1.51 -11.75 2.87
C VAL A 99 -0.20 -10.92 2.86
N LEU A 100 -0.30 -9.65 2.46
CA LEU A 100 0.87 -8.76 2.44
C LEU A 100 1.50 -8.68 3.83
N ALA A 101 0.65 -8.62 4.84
CA ALA A 101 1.07 -8.55 6.23
C ALA A 101 1.82 -9.83 6.63
N VAL A 102 1.29 -10.98 6.21
CA VAL A 102 1.91 -12.26 6.51
C VAL A 102 3.29 -12.36 5.85
N VAL A 103 3.39 -11.90 4.62
CA VAL A 103 4.67 -11.90 3.91
C VAL A 103 5.68 -10.97 4.61
N ALA A 104 5.21 -9.76 4.95
CA ALA A 104 6.06 -8.80 5.62
C ALA A 104 6.64 -9.39 6.88
N TRP A 105 5.83 -10.14 7.62
CA TRP A 105 6.32 -10.70 8.88
C TRP A 105 7.06 -12.03 8.79
N HIS A 106 6.57 -12.96 7.96
CA HIS A 106 7.16 -14.29 7.85
C HIS A 106 8.16 -14.55 6.72
N GLN A 107 8.38 -13.59 5.84
CA GLN A 107 9.29 -13.74 4.72
C GLN A 107 10.70 -14.26 5.09
N PRO A 108 11.27 -15.13 4.25
CA PRO A 108 10.70 -15.65 3.00
C PRO A 108 9.67 -16.74 3.33
N VAL A 109 8.50 -16.66 2.71
CA VAL A 109 7.42 -17.61 2.98
C VAL A 109 6.73 -18.10 1.70
N THR A 110 6.31 -19.37 1.72
CA THR A 110 5.63 -20.01 0.59
C THR A 110 4.12 -19.85 0.68
N LYS A 111 3.43 -20.15 -0.43
CA LYS A 111 1.98 -20.10 -0.45
C LYS A 111 1.41 -21.09 0.56
N GLY A 112 1.99 -22.29 0.61
CA GLY A 112 1.51 -23.27 1.56
C GLY A 112 1.61 -22.77 2.98
N GLU A 113 2.73 -22.14 3.29
CA GLU A 113 2.96 -21.60 4.61
C GLU A 113 1.99 -20.46 4.93
N ILE A 114 1.77 -19.58 3.97
CA ILE A 114 0.85 -18.45 4.19
C ILE A 114 -0.54 -19.02 4.50
N GLN A 115 -0.93 -20.03 3.74
CA GLN A 115 -2.22 -20.68 3.94
C GLN A 115 -2.36 -21.22 5.38
N GLN A 116 -1.33 -21.93 5.84
CA GLN A 116 -1.32 -22.48 7.20
C GLN A 116 -1.55 -21.40 8.26
N ILE A 117 -0.78 -20.32 8.16
CA ILE A 117 -0.85 -19.20 9.10
C ILE A 117 -2.24 -18.52 9.10
N ARG A 118 -2.79 -18.30 7.91
CA ARG A 118 -4.10 -17.66 7.74
C ARG A 118 -5.30 -18.58 7.89
N GLY A 119 -5.19 -19.79 7.32
CA GLY A 119 -6.27 -20.75 7.33
C GLY A 119 -7.31 -20.20 6.38
N ALA A 120 -6.92 -20.02 5.11
CA ALA A 120 -7.78 -19.45 4.08
C ALA A 120 -8.48 -20.44 3.16
N SER A 121 -8.69 -20.05 1.90
CA SER A 121 -9.39 -20.92 0.95
C SER A 121 -8.51 -21.90 0.15
N PRO A 122 -7.43 -21.43 -0.50
CA PRO A 122 -6.82 -20.11 -0.64
C PRO A 122 -7.39 -19.26 -1.77
N ASP A 123 -6.65 -18.22 -2.15
CA ASP A 123 -7.11 -17.30 -3.19
C ASP A 123 -6.00 -16.86 -4.16
N TYR A 124 -6.17 -15.71 -4.79
CA TYR A 124 -5.16 -15.21 -5.73
C TYR A 124 -4.41 -14.00 -5.20
N SER A 125 -4.35 -13.85 -3.88
CA SER A 125 -3.65 -12.69 -3.32
C SER A 125 -2.20 -12.60 -3.74
N ILE A 126 -1.49 -13.73 -3.77
CA ILE A 126 -0.09 -13.69 -4.19
C ILE A 126 0.01 -13.16 -5.62
N ASP A 127 -0.81 -13.66 -6.53
CA ASP A 127 -0.75 -13.19 -7.90
C ASP A 127 -1.04 -11.70 -7.96
N ARG A 128 -2.03 -11.25 -7.20
CA ARG A 128 -2.39 -9.83 -7.20
C ARG A 128 -1.24 -8.97 -6.68
N LEU A 129 -0.59 -9.43 -5.61
CA LEU A 129 0.51 -8.68 -5.02
C LEU A 129 1.73 -8.68 -5.95
N LEU A 130 1.94 -9.76 -6.68
CA LEU A 130 3.06 -9.82 -7.62
C LEU A 130 2.80 -8.87 -8.79
N ALA A 131 1.57 -8.86 -9.30
CA ALA A 131 1.20 -7.99 -10.41
C ALA A 131 1.32 -6.50 -10.05
N ARG A 132 1.29 -6.19 -8.75
CA ARG A 132 1.40 -4.82 -8.26
C ARG A 132 2.83 -4.50 -7.82
N GLY A 133 3.74 -5.46 -7.96
CA GLY A 133 5.11 -5.24 -7.57
C GLY A 133 5.37 -5.07 -6.08
N LEU A 134 4.42 -5.46 -5.24
CA LEU A 134 4.57 -5.34 -3.79
C LEU A 134 5.36 -6.50 -3.15
N ILE A 135 5.38 -7.64 -3.82
CA ILE A 135 6.15 -8.78 -3.32
C ILE A 135 6.92 -9.33 -4.52
N GLU A 136 7.87 -10.20 -4.24
CA GLU A 136 8.70 -10.81 -5.26
C GLU A 136 9.22 -12.14 -4.74
N VAL A 137 9.79 -12.94 -5.64
CA VAL A 137 10.35 -14.23 -5.23
C VAL A 137 11.71 -14.02 -4.56
N ARG A 138 11.96 -14.71 -3.46
CA ARG A 138 13.23 -14.62 -2.74
C ARG A 138 14.03 -15.91 -2.93
N GLY A 139 13.39 -16.93 -3.46
CA GLY A 139 14.04 -18.21 -3.68
C GLY A 139 13.05 -19.37 -3.60
N ARG A 140 13.55 -20.57 -3.32
CA ARG A 140 12.72 -21.76 -3.19
C ARG A 140 12.95 -22.43 -1.85
N ALA A 141 11.86 -22.84 -1.20
CA ALA A 141 11.97 -23.46 0.11
C ALA A 141 12.55 -24.86 0.04
N ASP A 142 13.19 -25.26 1.13
CA ASP A 142 13.76 -26.59 1.21
C ASP A 142 12.69 -27.51 1.74
N SER A 143 11.75 -27.85 0.86
CA SER A 143 10.65 -28.73 1.22
C SER A 143 10.18 -29.44 -0.06
N PRO A 144 9.37 -30.50 0.10
CA PRO A 144 8.87 -31.24 -1.07
C PRO A 144 8.40 -30.38 -2.25
N GLY A 145 9.07 -30.53 -3.39
CA GLY A 145 8.68 -29.77 -4.56
C GLY A 145 9.35 -28.41 -4.70
N ARG A 146 10.10 -28.00 -3.69
CA ARG A 146 10.82 -26.72 -3.74
C ARG A 146 9.92 -25.55 -4.14
N PRO A 147 8.88 -25.28 -3.34
CA PRO A 147 7.98 -24.17 -3.66
C PRO A 147 8.64 -22.80 -3.53
N LEU A 148 8.18 -21.85 -4.34
CA LEU A 148 8.69 -20.49 -4.34
C LEU A 148 8.39 -19.81 -3.01
N GLN A 149 9.33 -18.99 -2.55
CA GLN A 149 9.21 -18.24 -1.31
C GLN A 149 9.07 -16.79 -1.71
N TYR A 150 8.27 -16.02 -0.97
CA TYR A 150 8.09 -14.61 -1.31
C TYR A 150 8.53 -13.66 -0.22
N GLY A 151 8.81 -12.42 -0.62
CA GLY A 151 9.24 -11.39 0.32
C GLY A 151 8.72 -10.07 -0.21
N THR A 152 8.73 -9.03 0.62
CA THR A 152 8.25 -7.72 0.18
C THR A 152 9.33 -7.07 -0.71
N THR A 153 8.97 -6.01 -1.41
CA THR A 153 9.87 -5.32 -2.33
C THR A 153 10.22 -3.89 -1.88
N GLU A 154 11.30 -3.31 -2.43
CA GLU A 154 11.69 -1.95 -2.09
C GLU A 154 10.56 -1.04 -2.59
N VAL A 155 9.84 -1.53 -3.58
CA VAL A 155 8.71 -0.82 -4.13
C VAL A 155 7.66 -0.67 -3.02
N PHE A 156 7.43 -1.75 -2.29
CA PHE A 156 6.47 -1.73 -1.18
C PHE A 156 6.98 -0.79 -0.09
N LEU A 157 8.23 -0.97 0.30
CA LEU A 157 8.80 -0.14 1.35
C LEU A 157 8.76 1.35 1.02
N ASP A 158 9.13 1.71 -0.21
CA ASP A 158 9.13 3.12 -0.63
C ASP A 158 7.72 3.69 -0.60
N LEU A 159 6.78 2.93 -1.14
CA LEU A 159 5.40 3.38 -1.18
C LEU A 159 4.86 3.63 0.23
N PHE A 160 5.10 2.72 1.17
CA PHE A 160 4.62 2.89 2.53
C PHE A 160 5.50 3.71 3.44
N HIS A 161 6.52 4.33 2.87
CA HIS A 161 7.44 5.18 3.61
C HIS A 161 8.11 4.47 4.79
N LEU A 162 8.42 3.19 4.64
CA LEU A 162 9.08 2.45 5.73
C LEU A 162 10.46 3.01 6.05
N MET B 1 34.53 -18.59 -33.46
CA MET B 1 33.15 -18.54 -32.88
C MET B 1 33.16 -18.62 -31.36
N GLN B 2 34.32 -18.92 -30.79
CA GLN B 2 34.47 -19.01 -29.34
C GLN B 2 34.25 -17.62 -28.75
N GLU B 3 34.97 -16.63 -29.29
CA GLU B 3 34.88 -15.26 -28.82
C GLU B 3 33.46 -14.71 -28.92
N GLN B 4 32.81 -14.96 -30.04
CA GLN B 4 31.44 -14.51 -30.27
C GLN B 4 30.54 -15.16 -29.22
N ARG B 5 30.77 -16.44 -28.97
CA ARG B 5 29.99 -17.15 -27.97
C ARG B 5 30.24 -16.52 -26.60
N GLN B 6 31.51 -16.29 -26.26
CA GLN B 6 31.84 -15.70 -24.98
C GLN B 6 31.29 -14.30 -24.80
N GLN B 7 31.30 -13.51 -25.87
CA GLN B 7 30.79 -12.16 -25.82
C GLN B 7 29.26 -12.20 -25.65
N LEU B 8 28.62 -13.13 -26.35
CA LEU B 8 27.17 -13.30 -26.25
C LEU B 8 26.83 -13.71 -24.82
N LEU B 9 27.67 -14.55 -24.24
CA LEU B 9 27.44 -15.01 -22.88
C LEU B 9 27.55 -13.82 -21.92
N ARG B 10 28.57 -12.99 -22.13
CA ARG B 10 28.78 -11.80 -21.32
C ARG B 10 27.60 -10.82 -21.43
N SER B 11 27.05 -10.71 -22.63
CA SER B 11 25.90 -9.83 -22.85
C SER B 11 24.68 -10.35 -22.06
N LEU B 12 24.47 -11.66 -22.08
CA LEU B 12 23.35 -12.22 -21.35
C LEU B 12 23.51 -11.91 -19.86
N GLU B 13 24.72 -12.12 -19.35
CA GLU B 13 24.99 -11.84 -17.95
C GLU B 13 24.65 -10.39 -17.58
N ALA B 14 25.16 -9.46 -18.38
CA ALA B 14 24.94 -8.03 -18.14
C ALA B 14 23.46 -7.67 -18.16
N LEU B 15 22.71 -8.24 -19.10
CA LEU B 15 21.27 -7.93 -19.20
C LEU B 15 20.51 -8.52 -18.00
N ILE B 16 20.72 -9.80 -17.72
CA ILE B 16 20.05 -10.45 -16.60
C ILE B 16 20.44 -9.76 -15.28
N PHE B 17 21.71 -9.40 -15.17
CA PHE B 17 22.18 -8.74 -13.98
C PHE B 17 21.59 -7.34 -13.80
N SER B 18 21.50 -6.57 -14.88
CA SER B 18 20.96 -5.20 -14.84
C SER B 18 19.45 -5.11 -14.66
N SER B 19 18.75 -6.16 -15.09
CA SER B 19 17.30 -6.22 -15.05
C SER B 19 16.70 -5.90 -13.69
N GLU B 20 15.64 -5.11 -13.72
CA GLU B 20 14.96 -4.75 -12.49
C GLU B 20 13.71 -5.60 -12.44
N GLU B 21 13.64 -6.56 -13.36
CA GLU B 21 12.54 -7.52 -13.49
C GLU B 21 13.04 -8.77 -14.23
N PRO B 22 12.46 -9.95 -13.95
CA PRO B 22 12.89 -11.18 -14.62
C PRO B 22 12.88 -10.93 -16.14
N VAL B 23 13.90 -11.40 -16.83
CA VAL B 23 14.00 -11.19 -18.27
C VAL B 23 13.73 -12.48 -19.03
N ASN B 24 12.85 -12.41 -20.02
CA ASN B 24 12.51 -13.60 -20.78
C ASN B 24 13.31 -13.80 -22.07
N LEU B 25 13.07 -14.93 -22.71
CA LEU B 25 13.73 -15.30 -23.96
C LEU B 25 13.48 -14.26 -25.06
N GLN B 26 12.25 -13.75 -25.14
CA GLN B 26 11.92 -12.76 -26.17
C GLN B 26 12.76 -11.48 -26.04
N THR B 27 12.86 -10.96 -24.83
CA THR B 27 13.61 -9.76 -24.57
C THR B 27 15.12 -9.95 -24.79
N LEU B 28 15.66 -11.04 -24.25
CA LEU B 28 17.08 -11.31 -24.42
C LEU B 28 17.49 -11.52 -25.90
N SER B 29 16.64 -12.17 -26.69
CA SER B 29 16.95 -12.39 -28.11
C SER B 29 16.86 -11.07 -28.91
N GLN B 30 15.91 -10.22 -28.57
CA GLN B 30 15.75 -8.95 -29.29
C GLN B 30 16.91 -8.01 -29.03
N ILE B 31 17.36 -7.92 -27.79
CA ILE B 31 18.45 -7.00 -27.45
C ILE B 31 19.83 -7.48 -27.94
N THR B 32 20.09 -8.77 -27.85
CA THR B 32 21.37 -9.31 -28.30
C THR B 32 21.36 -9.59 -29.81
N ALA B 33 20.21 -9.34 -30.43
CA ALA B 33 20.04 -9.59 -31.86
C ALA B 33 20.47 -11.01 -32.19
N HIS B 34 20.16 -11.95 -31.29
CA HIS B 34 20.46 -13.38 -31.46
C HIS B 34 19.17 -14.18 -31.36
N LYS B 35 18.90 -15.03 -32.36
CA LYS B 35 17.69 -15.84 -32.38
C LYS B 35 17.81 -17.08 -31.51
N PHE B 36 17.84 -16.85 -30.20
CA PHE B 36 17.93 -17.91 -29.20
C PHE B 36 16.79 -18.90 -29.23
N THR B 37 17.12 -20.19 -29.13
CA THR B 37 16.11 -21.24 -29.03
C THR B 37 15.95 -21.37 -27.50
N PRO B 38 14.78 -21.81 -27.02
CA PRO B 38 14.58 -21.95 -25.57
C PRO B 38 15.62 -22.86 -24.93
N SER B 39 16.07 -23.85 -25.70
CA SER B 39 17.06 -24.78 -25.20
C SER B 39 18.45 -24.14 -25.22
N GLU B 40 18.75 -23.42 -26.29
CA GLU B 40 20.04 -22.75 -26.40
C GLU B 40 20.22 -21.71 -25.30
N LEU B 41 19.15 -20.98 -24.96
CA LEU B 41 19.25 -19.95 -23.92
C LEU B 41 19.52 -20.56 -22.55
N GLN B 42 18.83 -21.65 -22.25
CA GLN B 42 19.02 -22.31 -20.96
C GLN B 42 20.44 -22.86 -20.83
N GLU B 43 20.98 -23.32 -21.96
CA GLU B 43 22.34 -23.88 -22.04
C GLU B 43 23.36 -22.78 -21.77
N ALA B 44 23.10 -21.56 -22.23
CA ALA B 44 24.01 -20.45 -22.02
C ALA B 44 23.94 -20.07 -20.55
N VAL B 45 22.73 -20.08 -20.00
CA VAL B 45 22.55 -19.74 -18.60
C VAL B 45 23.24 -20.77 -17.72
N ASP B 46 23.16 -22.05 -18.10
CA ASP B 46 23.82 -23.12 -17.35
C ASP B 46 25.34 -22.89 -17.29
N GLU B 47 25.92 -22.49 -18.42
CA GLU B 47 27.36 -22.24 -18.46
C GLU B 47 27.77 -21.12 -17.49
N LEU B 48 27.00 -20.03 -17.48
CA LEU B 48 27.28 -18.93 -16.58
C LEU B 48 27.21 -19.45 -15.14
N ASN B 49 26.13 -20.16 -14.79
CA ASN B 49 25.98 -20.69 -13.45
C ASN B 49 27.15 -21.63 -13.12
N ARG B 50 27.68 -22.33 -14.12
CA ARG B 50 28.83 -23.20 -13.88
C ARG B 50 30.05 -22.34 -13.52
N ASP B 51 30.22 -21.21 -14.19
CA ASP B 51 31.34 -20.31 -13.89
C ASP B 51 31.20 -19.69 -12.49
N TYR B 52 29.96 -19.42 -12.08
CA TYR B 52 29.69 -18.84 -10.75
C TYR B 52 30.10 -19.86 -9.69
N GLU B 53 29.74 -21.11 -9.92
CA GLU B 53 30.10 -22.19 -9.01
C GLU B 53 31.63 -22.34 -8.95
N ALA B 54 32.25 -22.29 -10.12
CA ALA B 54 33.71 -22.43 -10.27
C ALA B 54 34.55 -21.36 -9.59
N THR B 55 34.13 -20.10 -9.71
CA THR B 55 34.85 -18.97 -9.15
C THR B 55 34.41 -18.61 -7.72
N GLY B 56 33.42 -19.31 -7.19
CA GLY B 56 32.98 -19.06 -5.84
C GLY B 56 32.09 -17.86 -5.62
N ARG B 57 31.22 -17.58 -6.59
CA ARG B 57 30.29 -16.45 -6.49
C ARG B 57 29.13 -16.83 -5.55
N THR B 58 28.53 -15.82 -4.92
CA THR B 58 27.46 -16.07 -3.98
C THR B 58 26.04 -15.95 -4.55
N PHE B 59 25.95 -15.92 -5.88
CA PHE B 59 24.67 -15.81 -6.55
C PHE B 59 24.56 -16.76 -7.74
N ARG B 60 23.32 -16.95 -8.21
CA ARG B 60 23.04 -17.83 -9.34
C ARG B 60 21.86 -17.31 -10.12
N ILE B 61 21.82 -17.66 -11.41
CA ILE B 61 20.71 -17.28 -12.26
C ILE B 61 19.66 -18.39 -12.19
N HIS B 62 18.42 -18.01 -11.93
CA HIS B 62 17.29 -18.91 -11.82
C HIS B 62 16.19 -18.63 -12.85
N ALA B 63 15.66 -19.70 -13.41
CA ALA B 63 14.58 -19.60 -14.39
C ALA B 63 13.28 -19.72 -13.61
N ILE B 64 12.59 -18.61 -13.41
CA ILE B 64 11.33 -18.64 -12.67
C ILE B 64 10.20 -18.19 -13.59
N ALA B 65 9.28 -19.11 -13.90
CA ALA B 65 8.14 -18.81 -14.77
C ALA B 65 8.50 -18.11 -16.08
N GLY B 66 9.52 -18.62 -16.77
CA GLY B 66 9.89 -18.01 -18.03
C GLY B 66 10.70 -16.74 -17.94
N GLY B 67 11.05 -16.31 -16.73
CA GLY B 67 11.85 -15.11 -16.54
C GLY B 67 13.12 -15.44 -15.76
N TYR B 68 14.28 -15.05 -16.29
CA TYR B 68 15.53 -15.34 -15.58
C TYR B 68 15.91 -14.17 -14.68
N ARG B 69 16.43 -14.48 -13.49
CA ARG B 69 16.90 -13.43 -12.57
C ARG B 69 17.95 -14.02 -11.63
N PHE B 70 18.82 -13.15 -11.12
CA PHE B 70 19.84 -13.55 -10.15
C PHE B 70 19.21 -13.65 -8.79
N LEU B 71 19.72 -14.58 -7.98
CA LEU B 71 19.27 -14.76 -6.59
C LEU B 71 20.51 -15.14 -5.80
N THR B 72 20.62 -14.70 -4.55
CA THR B 72 21.79 -15.05 -3.74
C THR B 72 21.58 -16.46 -3.19
N GLU B 73 22.68 -17.16 -2.94
CA GLU B 73 22.67 -18.52 -2.43
C GLU B 73 22.04 -18.65 -1.04
N PRO B 74 21.33 -19.77 -0.77
CA PRO B 74 20.68 -20.00 0.52
C PRO B 74 21.64 -19.95 1.69
N GLU B 75 22.92 -20.11 1.40
CA GLU B 75 23.93 -20.06 2.46
C GLU B 75 23.96 -18.71 3.16
N PHE B 76 23.50 -17.67 2.48
CA PHE B 76 23.50 -16.34 3.10
C PHE B 76 22.11 -15.81 3.35
N ALA B 77 21.14 -16.72 3.41
CA ALA B 77 19.76 -16.34 3.64
C ALA B 77 19.54 -15.53 4.91
N ASP B 78 20.23 -15.90 5.99
CA ASP B 78 20.05 -15.17 7.24
C ASP B 78 20.56 -13.73 7.12
N LEU B 79 21.69 -13.57 6.45
CA LEU B 79 22.26 -12.23 6.28
C LEU B 79 21.35 -11.38 5.41
N VAL B 80 20.83 -11.96 4.34
CA VAL B 80 19.95 -11.24 3.44
C VAL B 80 18.68 -10.81 4.17
N ARG B 81 18.20 -11.67 5.06
CA ARG B 81 17.00 -11.35 5.83
C ARG B 81 17.25 -10.12 6.70
N GLN B 82 18.40 -10.06 7.36
CA GLN B 82 18.70 -8.90 8.19
C GLN B 82 18.82 -7.60 7.42
N LEU B 83 19.08 -7.71 6.11
CA LEU B 83 19.23 -6.53 5.27
C LEU B 83 17.91 -6.08 4.64
N LEU B 84 17.23 -7.01 3.98
CA LEU B 84 15.97 -6.70 3.31
C LEU B 84 14.75 -6.61 4.22
N ALA B 85 14.78 -7.37 5.32
CA ALA B 85 13.66 -7.39 6.24
C ALA B 85 14.04 -7.51 7.71
N PRO B 86 14.73 -6.50 8.26
CA PRO B 86 15.10 -6.59 9.68
C PRO B 86 13.82 -6.59 10.54
N VAL B 87 13.91 -7.15 11.75
CA VAL B 87 12.75 -7.27 12.66
C VAL B 87 11.93 -5.99 12.88
N ILE B 88 12.61 -4.89 13.19
CA ILE B 88 11.93 -3.62 13.45
C ILE B 88 11.15 -3.15 12.24
N GLN B 89 11.76 -3.29 11.07
CA GLN B 89 11.10 -2.89 9.84
C GLN B 89 9.86 -3.77 9.62
N ARG B 90 9.99 -5.06 9.92
CA ARG B 90 8.87 -5.99 9.76
C ARG B 90 7.71 -5.63 10.70
N ARG B 91 8.04 -5.24 11.94
CA ARG B 91 7.04 -4.84 12.93
C ARG B 91 6.25 -3.62 12.43
N LEU B 92 6.95 -2.60 11.95
CA LEU B 92 6.28 -1.41 11.43
C LEU B 92 5.39 -1.79 10.25
N SER B 93 5.94 -2.52 9.30
CA SER B 93 5.17 -2.98 8.15
C SER B 93 3.92 -3.79 8.52
N ARG B 94 4.09 -4.79 9.37
CA ARG B 94 2.97 -5.64 9.77
C ARG B 94 1.88 -4.86 10.48
N SER B 95 2.26 -4.05 11.46
CA SER B 95 1.29 -3.29 12.22
C SER B 95 0.50 -2.35 11.31
N MET B 96 1.19 -1.63 10.43
CA MET B 96 0.47 -0.73 9.53
C MET B 96 -0.50 -1.49 8.64
N LEU B 97 -0.06 -2.63 8.11
CA LEU B 97 -0.90 -3.45 7.26
C LEU B 97 -2.12 -4.05 7.97
N GLU B 98 -1.91 -4.58 9.17
CA GLU B 98 -3.02 -5.16 9.96
C GLU B 98 -4.09 -4.11 10.31
N VAL B 99 -3.65 -2.94 10.77
CA VAL B 99 -4.60 -1.90 11.10
C VAL B 99 -5.34 -1.47 9.81
N LEU B 100 -4.59 -1.30 8.73
CA LEU B 100 -5.18 -0.92 7.45
C LEU B 100 -6.25 -1.93 7.04
N ALA B 101 -5.94 -3.20 7.26
CA ALA B 101 -6.82 -4.30 6.94
C ALA B 101 -8.10 -4.23 7.78
N VAL B 102 -7.95 -3.93 9.07
CA VAL B 102 -9.10 -3.82 9.97
C VAL B 102 -10.00 -2.66 9.53
N VAL B 103 -9.39 -1.54 9.15
CA VAL B 103 -10.17 -0.39 8.68
C VAL B 103 -10.90 -0.74 7.37
N ALA B 104 -10.18 -1.36 6.44
CA ALA B 104 -10.77 -1.74 5.16
C ALA B 104 -12.00 -2.59 5.39
N TRP B 105 -11.93 -3.50 6.35
CA TRP B 105 -13.07 -4.38 6.59
C TRP B 105 -14.17 -3.85 7.50
N HIS B 106 -13.80 -3.20 8.60
CA HIS B 106 -14.76 -2.72 9.58
C HIS B 106 -15.23 -1.24 9.49
N GLN B 107 -14.67 -0.47 8.57
CA GLN B 107 -15.03 0.94 8.43
C GLN B 107 -16.53 1.21 8.30
N PRO B 108 -17.02 2.29 8.92
CA PRO B 108 -16.24 3.26 9.70
C PRO B 108 -15.96 2.67 11.09
N VAL B 109 -14.72 2.77 11.53
CA VAL B 109 -14.31 2.21 12.83
C VAL B 109 -13.42 3.15 13.63
N THR B 110 -13.59 3.11 14.95
CA THR B 110 -12.81 3.93 15.89
C THR B 110 -11.54 3.23 16.35
N LYS B 111 -10.66 3.99 16.99
CA LYS B 111 -9.41 3.45 17.53
C LYS B 111 -9.76 2.41 18.60
N GLY B 112 -10.73 2.73 19.44
CA GLY B 112 -11.12 1.79 20.48
C GLY B 112 -11.57 0.47 19.89
N GLU B 113 -12.38 0.56 18.84
CA GLU B 113 -12.90 -0.62 18.18
C GLU B 113 -11.78 -1.42 17.51
N ILE B 114 -10.86 -0.74 16.84
CA ILE B 114 -9.74 -1.42 16.19
C ILE B 114 -8.94 -2.19 17.25
N GLN B 115 -8.71 -1.53 18.38
CA GLN B 115 -7.98 -2.17 19.48
C GLN B 115 -8.67 -3.47 19.92
N GLN B 116 -9.98 -3.40 20.13
CA GLN B 116 -10.76 -4.57 20.55
C GLN B 116 -10.59 -5.75 19.58
N ILE B 117 -10.75 -5.48 18.28
CA ILE B 117 -10.63 -6.49 17.24
C ILE B 117 -9.22 -7.11 17.19
N ARG B 118 -8.19 -6.28 17.29
CA ARG B 118 -6.80 -6.70 17.25
C ARG B 118 -6.24 -7.21 18.58
N GLY B 119 -6.58 -6.52 19.66
CA GLY B 119 -6.07 -6.85 20.97
C GLY B 119 -4.60 -6.45 20.95
N ALA B 120 -4.34 -5.17 20.71
CA ALA B 120 -2.98 -4.62 20.60
C ALA B 120 -2.43 -3.96 21.85
N SER B 121 -1.59 -2.94 21.66
CA SER B 121 -0.97 -2.26 22.79
C SER B 121 -1.76 -1.07 23.40
N PRO B 122 -2.20 -0.10 22.58
CA PRO B 122 -2.11 0.12 21.13
C PRO B 122 -0.84 0.84 20.66
N ASP B 123 -0.88 1.35 19.44
CA ASP B 123 0.27 2.01 18.85
C ASP B 123 -0.07 3.28 18.06
N TYR B 124 0.79 3.67 17.12
CA TYR B 124 0.56 4.87 16.33
C TYR B 124 0.20 4.56 14.89
N SER B 125 -0.33 3.37 14.64
CA SER B 125 -0.68 3.00 13.27
C SER B 125 -1.68 3.94 12.61
N ILE B 126 -2.69 4.39 13.36
CA ILE B 126 -3.65 5.31 12.77
C ILE B 126 -2.96 6.59 12.33
N ASP B 127 -2.09 7.15 13.19
CA ASP B 127 -1.40 8.37 12.83
C ASP B 127 -0.54 8.15 11.58
N ARG B 128 0.13 7.00 11.53
CA ARG B 128 0.99 6.70 10.39
C ARG B 128 0.18 6.58 9.10
N LEU B 129 -0.97 5.93 9.19
CA LEU B 129 -1.83 5.75 8.02
C LEU B 129 -2.45 7.07 7.57
N LEU B 130 -2.76 7.94 8.53
CA LEU B 130 -3.32 9.26 8.19
C LEU B 130 -2.24 10.11 7.50
N ALA B 131 -1.02 10.07 8.04
CA ALA B 131 0.08 10.84 7.47
C ALA B 131 0.42 10.38 6.03
N ARG B 132 0.04 9.16 5.68
CA ARG B 132 0.29 8.62 4.34
C ARG B 132 -0.93 8.74 3.44
N GLY B 133 -2.00 9.34 3.96
CA GLY B 133 -3.21 9.51 3.17
C GLY B 133 -3.97 8.23 2.82
N LEU B 134 -3.66 7.13 3.51
CA LEU B 134 -4.35 5.85 3.25
C LEU B 134 -5.71 5.71 3.93
N ILE B 135 -5.91 6.46 5.01
CA ILE B 135 -7.19 6.44 5.71
C ILE B 135 -7.56 7.91 5.97
N GLU B 136 -8.81 8.13 6.35
CA GLU B 136 -9.31 9.46 6.64
C GLU B 136 -10.48 9.33 7.61
N VAL B 137 -10.89 10.45 8.17
CA VAL B 137 -12.04 10.46 9.09
C VAL B 137 -13.34 10.37 8.29
N ARG B 138 -14.27 9.54 8.75
CA ARG B 138 -15.58 9.39 8.11
C ARG B 138 -16.67 10.02 8.96
N GLY B 139 -16.32 10.35 10.20
CA GLY B 139 -17.27 10.96 11.12
C GLY B 139 -16.95 10.61 12.57
N ARG B 140 -17.96 10.69 13.45
CA ARG B 140 -17.80 10.38 14.87
C ARG B 140 -18.81 9.33 15.29
N ALA B 141 -18.33 8.35 16.05
CA ALA B 141 -19.20 7.27 16.49
C ALA B 141 -20.21 7.72 17.53
N ASP B 142 -21.34 7.02 17.57
CA ASP B 142 -22.36 7.33 18.55
C ASP B 142 -22.06 6.53 19.79
N SER B 143 -21.07 6.99 20.53
CA SER B 143 -20.65 6.34 21.75
C SER B 143 -20.03 7.38 22.68
N PRO B 144 -19.84 7.03 23.97
CA PRO B 144 -19.26 7.99 24.92
C PRO B 144 -18.05 8.78 24.40
N GLY B 145 -18.18 10.10 24.35
CA GLY B 145 -17.08 10.92 23.89
C GLY B 145 -17.04 11.18 22.40
N ARG B 146 -17.93 10.51 21.64
CA ARG B 146 -17.98 10.69 20.20
C ARG B 146 -16.62 10.56 19.51
N PRO B 147 -15.97 9.39 19.65
CA PRO B 147 -14.65 9.22 19.01
C PRO B 147 -14.71 9.19 17.48
N LEU B 148 -13.62 9.65 16.87
CA LEU B 148 -13.51 9.70 15.41
C LEU B 148 -13.55 8.28 14.82
N GLN B 149 -14.19 8.14 13.66
CA GLN B 149 -14.29 6.88 12.94
C GLN B 149 -13.43 7.04 11.70
N TYR B 150 -12.77 5.97 11.28
CA TYR B 150 -11.91 6.04 10.11
C TYR B 150 -12.35 5.12 8.98
N GLY B 151 -11.93 5.46 7.77
CA GLY B 151 -12.26 4.65 6.60
C GLY B 151 -11.09 4.77 5.63
N THR B 152 -11.03 3.91 4.63
CA THR B 152 -9.95 3.97 3.65
C THR B 152 -10.22 5.13 2.69
N THR B 153 -9.21 5.51 1.91
CA THR B 153 -9.32 6.63 0.96
C THR B 153 -9.23 6.21 -0.51
N GLU B 154 -9.66 7.08 -1.43
CA GLU B 154 -9.58 6.76 -2.86
C GLU B 154 -8.09 6.67 -3.19
N VAL B 155 -7.28 7.34 -2.38
CA VAL B 155 -5.85 7.31 -2.54
C VAL B 155 -5.37 5.88 -2.32
N PHE B 156 -5.90 5.23 -1.29
CA PHE B 156 -5.55 3.84 -0.99
C PHE B 156 -6.04 2.95 -2.12
N LEU B 157 -7.29 3.10 -2.50
CA LEU B 157 -7.86 2.28 -3.55
C LEU B 157 -7.10 2.40 -4.88
N ASP B 158 -6.78 3.63 -5.28
CA ASP B 158 -6.06 3.85 -6.54
C ASP B 158 -4.67 3.20 -6.48
N LEU B 159 -3.98 3.41 -5.36
CA LEU B 159 -2.65 2.85 -5.21
C LEU B 159 -2.67 1.32 -5.31
N PHE B 160 -3.61 0.67 -4.64
CA PHE B 160 -3.69 -0.79 -4.69
C PHE B 160 -4.47 -1.36 -5.86
N HIS B 161 -4.83 -0.49 -6.80
CA HIS B 161 -5.56 -0.90 -8.00
C HIS B 161 -6.87 -1.64 -7.71
N LEU B 162 -7.58 -1.24 -6.66
CA LEU B 162 -8.84 -1.89 -6.30
C LEU B 162 -9.89 -1.71 -7.40
#